data_5TX3
#
_entry.id   5TX3
#
_cell.length_a   64.620
_cell.length_b   78.670
_cell.length_c   78.960
_cell.angle_alpha   90.000
_cell.angle_beta   110.860
_cell.angle_gamma   90.000
#
_symmetry.space_group_name_H-M   'P 1 21 1'
#
loop_
_entity.id
_entity.type
_entity.pdbx_description
1 polymer 'Maternal embryonic leucine zipper kinase'
2 non-polymer 7-[(1S)-4-hydroxy-2,3-dihydro-1H-inden-1-yl]-5,5-dimethyl-2-({3-[(pyrrolidin-1-yl)methyl]phenyl}amino)-5,7-dihydro-6H-pyrrolo[2,3-d]pyrimidin-6-one
3 water water
#
_entity_poly.entity_id   1
_entity_poly.type   'polypeptide(L)'
_entity_poly.pdbx_seq_one_letter_code
;GSGSMKDYDELLKYYELHETIGTGGFAKVKLACHILTGEMVAIKIMDKNTLGSDLPRIKTEIEALKNLRHQHICQLYHVL
ETANKIFMVLEYCPGGELFDYIISQDRLSEEETRVVFRQIVSAVAYVHSQGYAHRDLKPENLLFDEYHKLKLIDFGLCAK
PKGNKDYHLQTCCGSLAYAAPELIQGKSYLGSEADVWSMGILLYVLMCGFLPFDDDNVMALYKKIMRGKYDVPKWLSPSS
ILLLQQMLQVDPKKRISMKNLLNHPWIMQDYNYPVEWQSKNPFIHLDDDCVTELSVHHRNNRQTMEDLISLWQYDHLTAT
YLLLLAKKARGKPVRLRLSSFSCG
;
_entity_poly.pdbx_strand_id   A,B
#
loop_
_chem_comp.id
_chem_comp.type
_chem_comp.name
_chem_comp.formula
7MY non-polymer 7-[(1S)-4-hydroxy-2,3-dihydro-1H-inden-1-yl]-5,5-dimethyl-2-({3-[(pyrrolidin-1-yl)methyl]phenyl}amino)-5,7-dihydro-6H-pyrrolo[2,3-d]pyrimidin-6-one 'C28 H31 N5 O2'
#
# COMPACT_ATOMS: atom_id res chain seq x y z
N SER A 2 -3.86 14.87 -10.64
CA SER A 2 -2.86 14.76 -11.70
C SER A 2 -1.48 14.42 -11.12
N GLY A 3 -0.44 15.01 -11.72
CA GLY A 3 0.92 14.85 -11.25
C GLY A 3 1.27 15.93 -10.23
N SER A 4 0.40 16.93 -10.15
CA SER A 4 0.61 18.18 -9.42
C SER A 4 0.95 18.02 -7.95
N MET A 5 1.98 18.75 -7.51
CA MET A 5 2.34 18.76 -6.11
C MET A 5 1.77 19.97 -5.39
N LYS A 6 0.95 20.78 -6.07
CA LYS A 6 0.44 21.99 -5.42
C LYS A 6 -0.75 21.71 -4.46
N ASP A 7 -1.36 20.53 -4.56
CA ASP A 7 -2.41 20.10 -3.63
C ASP A 7 -1.91 19.82 -2.21
N TYR A 8 -0.70 19.29 -2.13
CA TYR A 8 -0.11 18.92 -0.87
C TYR A 8 0.16 20.18 -0.03
N ASP A 9 -0.02 21.36 -0.64
CA ASP A 9 0.22 22.63 0.04
C ASP A 9 -0.72 22.83 1.22
N GLU A 10 -2.03 22.76 1.01
CA GLU A 10 -2.95 23.01 2.11
C GLU A 10 -2.80 21.94 3.19
N LEU A 11 -2.40 20.74 2.77
CA LEU A 11 -2.22 19.66 3.72
C LEU A 11 -1.03 19.91 4.64
N LEU A 12 0.12 20.22 4.05
CA LEU A 12 1.36 20.32 4.83
C LEU A 12 1.35 21.48 5.82
N LYS A 13 0.27 22.27 5.80
CA LYS A 13 0.02 23.23 6.87
C LYS A 13 -0.10 22.47 8.20
N TYR A 14 -0.95 21.46 8.18
CA TYR A 14 -1.32 20.77 9.39
C TYR A 14 -0.53 19.47 9.59
N TYR A 15 -0.07 18.90 8.48
CA TYR A 15 0.59 17.61 8.53
C TYR A 15 1.94 17.54 7.83
N GLU A 16 2.85 16.77 8.43
CA GLU A 16 4.17 16.52 7.89
C GLU A 16 4.30 15.06 7.46
N LEU A 17 4.41 14.83 6.15
CA LEU A 17 4.35 13.50 5.57
C LEU A 17 5.52 12.58 5.93
N HIS A 18 5.25 11.27 5.84
CA HIS A 18 6.25 10.23 6.00
C HIS A 18 5.97 9.22 4.85
N GLU A 19 6.37 7.96 4.99
CA GLU A 19 6.36 7.03 3.84
C GLU A 19 5.03 6.78 3.16
N THR A 20 5.09 6.22 1.95
CA THR A 20 3.88 5.82 1.22
C THR A 20 3.50 4.38 1.60
N ILE A 21 2.21 4.08 1.56
CA ILE A 21 1.70 2.71 1.67
C ILE A 21 0.44 2.58 0.81
N GLY A 22 0.06 1.38 0.46
CA GLY A 22 -1.24 1.20 -0.17
C GLY A 22 -1.28 1.21 -1.69
N THR A 23 -0.42 2.03 -2.31
CA THR A 23 -0.34 2.10 -3.76
C THR A 23 -0.04 0.72 -4.34
N ALA A 27 -6.65 5.82 -4.68
CA ALA A 27 -6.24 6.11 -3.32
C ALA A 27 -4.80 5.68 -3.05
N LYS A 28 -3.96 6.65 -2.68
CA LYS A 28 -2.63 6.39 -2.14
C LYS A 28 -2.67 6.70 -0.67
N VAL A 29 -1.89 5.98 0.12
CA VAL A 29 -2.03 6.04 1.56
C VAL A 29 -0.70 6.35 2.18
N LYS A 30 -0.64 7.52 2.77
CA LYS A 30 0.60 7.98 3.37
C LYS A 30 0.47 8.08 4.88
N LEU A 31 1.53 7.64 5.54
CA LEU A 31 1.69 7.81 6.97
C LEU A 31 2.16 9.26 7.25
N ALA A 32 1.44 10.02 8.08
CA ALA A 32 1.76 11.43 8.35
C ALA A 32 1.84 11.79 9.84
N CYS A 33 2.16 13.06 10.12
CA CYS A 33 2.23 13.58 11.49
C CYS A 33 1.34 14.83 11.66
N HIS A 34 0.48 14.85 12.68
CA HIS A 34 -0.34 16.03 12.94
C HIS A 34 0.50 17.02 13.74
N ILE A 35 0.95 18.07 13.07
CA ILE A 35 1.96 18.97 13.62
C ILE A 35 1.68 19.41 15.06
N LEU A 36 0.46 19.87 15.32
CA LEU A 36 0.10 20.42 16.63
C LEU A 36 0.23 19.44 17.79
N THR A 37 -0.05 18.15 17.54
CA THR A 37 -0.04 17.13 18.60
C THR A 37 1.03 16.06 18.38
N GLY A 38 1.53 15.96 17.15
CA GLY A 38 2.64 15.07 16.87
C GLY A 38 2.23 13.63 16.71
N GLU A 39 0.93 13.37 16.83
CA GLU A 39 0.37 12.04 16.73
C GLU A 39 0.50 11.54 15.30
N MET A 40 0.77 10.24 15.13
CA MET A 40 0.83 9.66 13.79
C MET A 40 -0.58 9.50 13.24
N VAL A 41 -0.75 9.84 11.97
CA VAL A 41 -2.02 9.58 11.32
C VAL A 41 -1.77 8.85 10.01
N ALA A 42 -2.82 8.64 9.25
CA ALA A 42 -2.71 7.97 7.96
C ALA A 42 -3.61 8.67 6.97
N ILE A 43 -3.02 9.20 5.89
CA ILE A 43 -3.77 10.02 4.97
C ILE A 43 -4.11 9.22 3.74
N LYS A 44 -5.40 9.18 3.42
CA LYS A 44 -5.86 8.52 2.22
C LYS A 44 -5.96 9.64 1.22
N ILE A 45 -5.05 9.64 0.27
CA ILE A 45 -5.00 10.72 -0.67
C ILE A 45 -5.66 10.26 -1.95
N MET A 46 -6.77 10.89 -2.30
CA MET A 46 -7.52 10.51 -3.50
C MET A 46 -7.56 11.60 -4.55
N ASP A 47 -7.33 11.20 -5.79
CA ASP A 47 -7.34 12.15 -6.89
C ASP A 47 -8.67 12.07 -7.63
N LYS A 48 -9.48 13.10 -7.47
CA LYS A 48 -10.76 13.19 -8.17
C LYS A 48 -10.49 12.96 -9.65
N ASN A 49 -11.33 12.15 -10.29
CA ASN A 49 -11.14 11.77 -11.70
C ASN A 49 -9.87 10.97 -11.98
N ILE A 58 -19.36 8.23 -3.20
CA ILE A 58 -18.28 8.11 -2.23
C ILE A 58 -18.14 9.39 -1.40
N LYS A 59 -18.68 10.49 -1.91
CA LYS A 59 -18.71 11.71 -1.10
C LYS A 59 -19.53 11.41 0.16
N THR A 60 -20.67 10.76 -0.03
CA THR A 60 -21.59 10.43 1.07
C THR A 60 -21.01 9.36 2.03
N GLU A 61 -20.27 8.41 1.48
CA GLU A 61 -19.65 7.36 2.29
C GLU A 61 -18.75 7.99 3.36
N ILE A 62 -18.26 9.19 3.07
CA ILE A 62 -17.55 10.01 4.03
C ILE A 62 -18.45 10.49 5.16
N GLU A 63 -19.62 11.01 4.78
CA GLU A 63 -20.60 11.48 5.74
C GLU A 63 -20.97 10.37 6.71
N ALA A 64 -20.91 9.13 6.23
CA ALA A 64 -21.16 7.97 7.09
C ALA A 64 -20.20 7.92 8.28
N LEU A 65 -18.91 7.99 7.97
CA LEU A 65 -17.82 7.97 8.95
C LEU A 65 -17.84 9.17 9.90
N LYS A 66 -18.43 10.26 9.44
CA LYS A 66 -18.59 11.48 10.24
C LYS A 66 -19.51 11.26 11.44
N ASN A 67 -20.45 10.32 11.29
CA ASN A 67 -21.40 10.00 12.35
C ASN A 67 -20.99 8.78 13.18
N LEU A 68 -19.96 8.07 12.73
CA LEU A 68 -19.49 6.90 13.48
C LEU A 68 -18.29 7.19 14.37
N ARG A 69 -18.45 7.01 15.68
CA ARG A 69 -17.35 7.24 16.61
C ARG A 69 -17.38 6.18 17.69
N HIS A 70 -16.39 5.29 17.67
CA HIS A 70 -16.41 4.04 18.44
C HIS A 70 -15.03 3.40 18.47
N GLN A 71 -14.64 2.82 19.61
CA GLN A 71 -13.26 2.38 19.85
C GLN A 71 -12.77 1.18 19.02
N HIS A 72 -13.62 0.65 18.14
CA HIS A 72 -13.18 -0.38 17.19
C HIS A 72 -13.61 0.00 15.77
N ILE A 73 -14.00 1.26 15.62
CA ILE A 73 -14.18 1.79 14.30
C ILE A 73 -13.10 2.83 14.04
N CYS A 74 -12.39 2.63 12.94
CA CYS A 74 -11.28 3.46 12.51
C CYS A 74 -11.64 4.92 12.42
N GLN A 75 -11.09 5.72 13.34
CA GLN A 75 -11.54 7.09 13.53
C GLN A 75 -11.14 8.06 12.43
N LEU A 76 -12.08 8.92 12.04
CA LEU A 76 -11.85 9.97 11.04
C LEU A 76 -11.54 11.32 11.71
N TYR A 77 -10.33 11.82 11.52
CA TYR A 77 -9.90 13.04 12.18
C TYR A 77 -10.16 14.34 11.42
N HIS A 78 -10.02 14.28 10.09
CA HIS A 78 -9.94 15.47 9.27
C HIS A 78 -10.19 15.15 7.80
N VAL A 79 -11.05 15.94 7.14
CA VAL A 79 -11.18 15.89 5.69
C VAL A 79 -10.77 17.20 5.01
N LEU A 80 -9.74 17.13 4.17
CA LEU A 80 -9.27 18.27 3.35
C LEU A 80 -9.59 18.13 1.87
N GLU A 81 -10.55 18.92 1.38
CA GLU A 81 -10.91 18.87 -0.03
C GLU A 81 -10.54 20.09 -0.84
N THR A 82 -9.66 19.89 -1.82
CA THR A 82 -9.34 20.94 -2.80
C THR A 82 -10.05 20.63 -4.12
N ALA A 83 -9.81 21.42 -5.15
CA ALA A 83 -10.41 21.14 -6.45
C ALA A 83 -9.64 20.07 -7.20
N ASN A 84 -8.46 19.75 -6.68
CA ASN A 84 -7.62 18.79 -7.34
C ASN A 84 -7.50 17.47 -6.56
N LYS A 85 -7.70 17.49 -5.24
CA LYS A 85 -7.69 16.26 -4.44
C LYS A 85 -8.70 16.22 -3.27
N ILE A 86 -8.76 15.07 -2.60
CA ILE A 86 -9.43 14.93 -1.28
C ILE A 86 -8.59 14.08 -0.35
N PHE A 87 -8.29 14.65 0.80
CA PHE A 87 -7.44 13.98 1.78
C PHE A 87 -8.27 13.50 2.94
N MET A 88 -7.97 12.30 3.42
CA MET A 88 -8.68 11.75 4.57
C MET A 88 -7.70 11.33 5.65
N VAL A 89 -7.72 12.08 6.75
CA VAL A 89 -6.84 11.78 7.85
C VAL A 89 -7.54 10.74 8.74
N LEU A 90 -6.90 9.60 8.94
CA LEU A 90 -7.54 8.51 9.67
C LEU A 90 -6.59 7.92 10.70
N GLU A 91 -7.15 7.18 11.64
CA GLU A 91 -6.35 6.58 12.68
C GLU A 91 -5.36 5.60 12.03
N TYR A 92 -4.10 5.65 12.43
CA TYR A 92 -3.14 4.78 11.79
C TYR A 92 -3.04 3.52 12.63
N CYS A 93 -3.18 2.37 11.96
CA CYS A 93 -3.15 1.06 12.63
C CYS A 93 -1.89 0.30 12.22
N PRO A 94 -0.88 0.33 13.09
CA PRO A 94 0.44 -0.31 12.96
C PRO A 94 0.43 -1.84 12.87
N GLY A 95 -0.60 -2.48 13.44
CA GLY A 95 -0.60 -3.93 13.60
C GLY A 95 -0.87 -4.68 12.31
N GLY A 96 -1.53 -3.99 11.40
CA GLY A 96 -1.81 -4.53 10.08
C GLY A 96 -3.11 -5.28 9.91
N GLU A 97 -3.28 -5.86 8.73
CA GLU A 97 -4.47 -6.61 8.36
C GLU A 97 -4.66 -7.80 9.31
N LEU A 98 -5.92 -8.03 9.71
CA LEU A 98 -6.22 -9.21 10.49
C LEU A 98 -5.88 -10.43 9.65
N PHE A 99 -6.17 -10.34 8.34
CA PHE A 99 -5.86 -11.41 7.40
C PHE A 99 -4.41 -11.88 7.58
N ASP A 100 -3.48 -10.92 7.62
CA ASP A 100 -2.08 -11.27 7.77
C ASP A 100 -1.80 -11.95 9.12
N TYR A 101 -2.49 -11.54 10.17
CA TYR A 101 -2.28 -12.15 11.49
C TYR A 101 -2.78 -13.59 11.54
N ILE A 102 -3.90 -13.84 10.87
CA ILE A 102 -4.44 -15.20 10.82
C ILE A 102 -3.43 -16.10 10.12
N ILE A 103 -2.95 -15.71 8.94
CA ILE A 103 -1.93 -16.50 8.24
C ILE A 103 -0.62 -16.56 9.05
N SER A 104 -0.36 -15.48 9.79
CA SER A 104 0.84 -15.38 10.61
C SER A 104 0.96 -16.52 11.61
N GLN A 105 -0.19 -16.95 12.15
CA GLN A 105 -0.28 -17.96 13.20
C GLN A 105 -1.02 -19.25 12.80
N ASP A 106 -1.29 -19.41 11.52
CA ASP A 106 -2.06 -20.54 10.99
C ASP A 106 -3.53 -20.46 11.40
N ARG A 107 -3.79 -20.54 12.70
CA ARG A 107 -5.13 -20.34 13.23
C ARG A 107 -5.11 -19.94 14.70
N LEU A 108 -6.18 -19.26 15.12
CA LEU A 108 -6.27 -18.77 16.50
C LEU A 108 -6.95 -19.76 17.43
N SER A 109 -6.54 -19.77 18.69
CA SER A 109 -7.23 -20.56 19.68
C SER A 109 -8.60 -19.94 19.95
N GLU A 110 -9.45 -20.71 20.61
CA GLU A 110 -10.78 -20.26 20.98
C GLU A 110 -10.71 -19.02 21.87
N GLU A 111 -9.80 -19.07 22.85
CA GLU A 111 -9.71 -18.02 23.84
C GLU A 111 -9.29 -16.71 23.17
N GLU A 112 -8.27 -16.80 22.31
CA GLU A 112 -7.79 -15.65 21.54
C GLU A 112 -8.88 -15.14 20.58
N THR A 113 -9.41 -16.05 19.78
CA THR A 113 -10.51 -15.74 18.88
C THR A 113 -11.61 -14.97 19.56
N ARG A 114 -11.90 -15.36 20.81
CA ARG A 114 -13.00 -14.79 21.55
C ARG A 114 -12.64 -13.35 21.87
N VAL A 115 -11.38 -13.13 22.23
CA VAL A 115 -10.91 -11.77 22.50
C VAL A 115 -11.13 -10.91 21.29
N VAL A 116 -10.71 -11.41 20.14
CA VAL A 116 -10.88 -10.66 18.91
C VAL A 116 -12.33 -10.57 18.51
N PHE A 117 -13.05 -11.69 18.55
CA PHE A 117 -14.38 -11.72 17.97
C PHE A 117 -15.32 -10.85 18.80
N ARG A 118 -15.01 -10.66 20.08
CA ARG A 118 -15.82 -9.76 20.89
C ARG A 118 -15.68 -8.32 20.41
N GLN A 119 -14.48 -7.93 19.96
CA GLN A 119 -14.24 -6.57 19.47
C GLN A 119 -14.95 -6.35 18.14
N ILE A 120 -14.93 -7.37 17.30
CA ILE A 120 -15.69 -7.31 16.06
C ILE A 120 -17.18 -7.19 16.31
N VAL A 121 -17.68 -7.85 17.33
CA VAL A 121 -19.11 -7.80 17.55
C VAL A 121 -19.45 -6.39 18.04
N SER A 122 -18.65 -5.86 18.95
CA SER A 122 -18.90 -4.55 19.48
C SER A 122 -19.03 -3.50 18.38
N ALA A 123 -18.12 -3.54 17.41
CA ALA A 123 -18.18 -2.60 16.33
C ALA A 123 -19.44 -2.77 15.51
N VAL A 124 -19.67 -3.99 15.04
CA VAL A 124 -20.80 -4.25 14.16
C VAL A 124 -22.12 -4.00 14.89
N ALA A 125 -22.12 -4.30 16.19
CA ALA A 125 -23.24 -3.94 17.01
C ALA A 125 -23.48 -2.45 16.86
N TYR A 126 -22.42 -1.69 17.08
CA TYR A 126 -22.53 -0.24 17.09
C TYR A 126 -22.95 0.37 15.75
N VAL A 127 -22.29 -0.05 14.67
CA VAL A 127 -22.66 0.42 13.34
C VAL A 127 -24.13 0.25 13.05
N HIS A 128 -24.66 -0.89 13.47
CA HIS A 128 -26.06 -1.19 13.25
C HIS A 128 -26.93 -0.24 14.04
N SER A 129 -26.49 0.11 15.25
CA SER A 129 -27.24 1.00 16.12
C SER A 129 -27.47 2.32 15.46
N GLN A 130 -26.58 2.66 14.54
CA GLN A 130 -26.68 3.92 13.85
C GLN A 130 -27.39 3.72 12.52
N GLY A 131 -28.00 2.54 12.37
CA GLY A 131 -28.73 2.20 11.15
C GLY A 131 -27.89 2.12 9.88
N TYR A 132 -26.68 1.59 10.00
CA TYR A 132 -25.83 1.30 8.85
C TYR A 132 -25.49 -0.17 8.86
N ALA A 133 -25.42 -0.77 7.67
CA ALA A 133 -24.90 -2.11 7.49
C ALA A 133 -23.55 -2.05 6.75
N HIS A 134 -22.52 -2.64 7.33
CA HIS A 134 -21.18 -2.60 6.77
C HIS A 134 -21.08 -3.26 5.40
N ARG A 135 -21.74 -4.38 5.23
CA ARG A 135 -21.79 -5.08 3.96
C ARG A 135 -20.45 -5.43 3.34
N ASP A 136 -19.37 -5.41 4.11
CA ASP A 136 -18.10 -5.92 3.59
C ASP A 136 -17.15 -6.31 4.70
N LEU A 137 -17.59 -7.27 5.51
CA LEU A 137 -16.81 -7.68 6.64
C LEU A 137 -15.90 -8.82 6.24
N LYS A 138 -14.65 -8.48 5.96
CA LYS A 138 -13.64 -9.47 5.64
C LYS A 138 -12.44 -9.10 6.48
N PRO A 139 -11.53 -10.05 6.71
CA PRO A 139 -10.46 -9.75 7.64
C PRO A 139 -9.37 -8.84 7.03
N GLU A 140 -9.64 -8.33 5.84
CA GLU A 140 -8.79 -7.33 5.20
C GLU A 140 -9.19 -5.93 5.64
N ASN A 141 -10.35 -5.81 6.27
CA ASN A 141 -10.79 -4.50 6.74
C ASN A 141 -10.89 -4.46 8.23
N LEU A 142 -10.05 -5.26 8.88
CA LEU A 142 -9.91 -5.19 10.29
C LEU A 142 -8.42 -5.13 10.53
N LEU A 143 -7.98 -4.04 11.15
CA LEU A 143 -6.57 -3.77 11.32
C LEU A 143 -6.28 -3.64 12.78
N PHE A 144 -5.09 -4.05 13.19
CA PHE A 144 -4.67 -3.96 14.57
C PHE A 144 -4.04 -2.62 14.87
N ASP A 145 -4.41 -2.01 15.99
CA ASP A 145 -3.67 -0.82 16.39
C ASP A 145 -2.42 -1.23 17.17
N GLU A 146 -1.77 -0.29 17.84
CA GLU A 146 -0.53 -0.61 18.54
C GLU A 146 -0.82 -1.35 19.83
N TYR A 147 -2.03 -1.13 20.36
CA TYR A 147 -2.53 -1.84 21.53
C TYR A 147 -2.90 -3.30 21.20
N HIS A 148 -2.79 -3.64 19.92
CA HIS A 148 -3.17 -4.93 19.36
C HIS A 148 -4.70 -5.12 19.43
N LYS A 149 -5.41 -4.02 19.68
CA LYS A 149 -6.86 -3.98 19.60
C LYS A 149 -7.29 -3.77 18.16
N LEU A 150 -8.48 -4.23 17.83
CA LEU A 150 -8.95 -4.27 16.45
C LEU A 150 -9.69 -3.02 16.00
N LYS A 151 -9.58 -2.68 14.73
CA LYS A 151 -10.24 -1.48 14.18
C LYS A 151 -10.85 -1.77 12.81
N LEU A 152 -12.16 -1.58 12.71
CA LEU A 152 -12.91 -1.88 11.50
C LEU A 152 -12.74 -0.72 10.55
N ILE A 153 -12.68 -0.94 9.23
CA ILE A 153 -12.49 0.23 8.37
C ILE A 153 -13.40 0.49 7.17
N ASP A 154 -13.54 -0.42 6.21
CA ASP A 154 -14.09 0.02 4.91
C ASP A 154 -15.62 0.07 4.76
N PHE A 155 -16.13 1.29 4.60
CA PHE A 155 -17.55 1.54 4.44
C PHE A 155 -17.87 1.96 3.02
N GLY A 156 -17.00 1.56 2.09
CA GLY A 156 -17.18 1.85 0.68
C GLY A 156 -18.50 1.30 0.18
N LEU A 157 -18.94 0.20 0.76
CA LEU A 157 -20.20 -0.43 0.40
C LEU A 157 -21.14 -0.49 1.62
N GLY A 174 -16.36 -7.74 -4.58
CA GLY A 174 -17.07 -8.72 -3.76
C GLY A 174 -17.26 -8.25 -2.34
N SER A 175 -16.61 -8.90 -1.37
CA SER A 175 -15.89 -10.15 -1.58
C SER A 175 -16.82 -11.37 -1.43
N LEU A 176 -16.59 -12.42 -2.22
CA LEU A 176 -17.62 -13.45 -2.40
C LEU A 176 -17.66 -14.47 -1.25
N ALA A 177 -16.48 -14.93 -0.81
CA ALA A 177 -16.41 -15.91 0.28
C ALA A 177 -17.03 -15.42 1.56
N TYR A 178 -17.42 -14.15 1.59
CA TYR A 178 -17.97 -13.53 2.80
C TYR A 178 -19.40 -13.08 2.57
N ALA A 179 -19.84 -13.20 1.33
CA ALA A 179 -21.22 -12.89 0.94
C ALA A 179 -22.24 -13.87 1.55
N ALA A 180 -23.32 -13.33 2.12
CA ALA A 180 -24.43 -14.14 2.62
C ALA A 180 -25.18 -14.76 1.46
N PRO A 181 -25.85 -15.89 1.72
CA PRO A 181 -26.50 -16.59 0.61
C PRO A 181 -27.56 -15.72 -0.04
N GLU A 182 -28.27 -14.93 0.78
CA GLU A 182 -29.37 -14.12 0.26
C GLU A 182 -28.85 -13.07 -0.71
N LEU A 183 -27.63 -12.57 -0.46
CA LEU A 183 -27.04 -11.58 -1.36
C LEU A 183 -26.69 -12.19 -2.72
N ILE A 184 -26.30 -13.46 -2.72
CA ILE A 184 -26.01 -14.21 -3.94
C ILE A 184 -27.27 -14.44 -4.77
N GLN A 185 -28.42 -14.47 -4.11
CA GLN A 185 -29.65 -14.72 -4.84
C GLN A 185 -30.07 -13.41 -5.50
N GLY A 186 -30.06 -12.34 -4.72
CA GLY A 186 -30.51 -11.05 -5.18
C GLY A 186 -30.93 -10.19 -4.00
N LYS A 187 -31.96 -10.67 -3.33
CA LYS A 187 -32.62 -9.98 -2.21
C LYS A 187 -31.68 -9.14 -1.35
N GLY A 191 -29.17 -5.21 5.02
CA GLY A 191 -29.61 -6.23 5.95
C GLY A 191 -28.68 -6.40 7.14
N SER A 192 -29.22 -6.22 8.34
CA SER A 192 -28.44 -6.39 9.56
C SER A 192 -27.96 -7.84 9.60
N GLU A 193 -28.81 -8.71 9.08
CA GLU A 193 -28.60 -10.15 9.15
C GLU A 193 -27.45 -10.62 8.27
N ALA A 194 -27.22 -9.94 7.16
CA ALA A 194 -26.13 -10.34 6.28
C ALA A 194 -24.79 -10.08 6.94
N ASP A 195 -24.74 -9.08 7.81
CA ASP A 195 -23.54 -8.81 8.58
C ASP A 195 -23.31 -9.93 9.57
N VAL A 196 -24.39 -10.54 10.07
CA VAL A 196 -24.21 -11.63 11.00
C VAL A 196 -23.60 -12.83 10.27
N TRP A 197 -24.04 -13.07 9.04
CA TRP A 197 -23.43 -14.13 8.23
C TRP A 197 -21.91 -13.92 8.07
N SER A 198 -21.47 -12.71 7.75
CA SER A 198 -20.05 -12.49 7.54
C SER A 198 -19.27 -12.61 8.82
N MET A 199 -19.86 -12.18 9.93
CA MET A 199 -19.17 -12.37 11.20
C MET A 199 -19.03 -13.89 11.45
N GLY A 200 -19.98 -14.67 10.93
CA GLY A 200 -19.87 -16.10 11.01
C GLY A 200 -18.64 -16.60 10.25
N ILE A 201 -18.49 -16.16 9.00
CA ILE A 201 -17.32 -16.53 8.20
C ILE A 201 -16.03 -16.09 8.87
N LEU A 202 -16.07 -14.94 9.52
CA LEU A 202 -14.93 -14.47 10.26
C LEU A 202 -14.52 -15.42 11.36
N LEU A 203 -15.48 -15.74 12.24
CA LEU A 203 -15.27 -16.67 13.36
C LEU A 203 -14.73 -18.00 12.88
N TYR A 204 -15.32 -18.51 11.81
CA TYR A 204 -14.77 -19.69 11.19
C TYR A 204 -13.28 -19.54 10.84
N VAL A 205 -12.93 -18.52 10.04
CA VAL A 205 -11.56 -18.35 9.58
C VAL A 205 -10.66 -18.11 10.77
N LEU A 206 -11.14 -17.31 11.71
CA LEU A 206 -10.31 -17.02 12.85
C LEU A 206 -9.82 -18.31 13.49
N MET A 207 -10.75 -19.26 13.68
CA MET A 207 -10.51 -20.50 14.42
C MET A 207 -10.08 -21.69 13.55
N CYS A 208 -10.29 -21.60 12.24
CA CYS A 208 -9.88 -22.68 11.36
C CYS A 208 -8.63 -22.32 10.54
N GLY A 209 -8.48 -21.05 10.20
CA GLY A 209 -7.32 -20.58 9.44
C GLY A 209 -7.48 -20.77 7.95
N PHE A 210 -8.66 -21.21 7.52
CA PHE A 210 -9.04 -21.30 6.12
C PHE A 210 -10.55 -21.06 6.04
N LEU A 211 -11.06 -20.71 4.88
CA LEU A 211 -12.49 -20.42 4.77
C LEU A 211 -13.38 -21.67 4.83
N PRO A 212 -14.62 -21.49 5.30
CA PRO A 212 -15.59 -22.60 5.30
C PRO A 212 -16.11 -22.93 3.90
N PHE A 213 -16.34 -21.89 3.10
CA PHE A 213 -16.71 -22.05 1.69
C PHE A 213 -15.61 -21.48 0.79
N ASP A 214 -14.94 -22.34 0.04
CA ASP A 214 -13.80 -21.93 -0.79
C ASP A 214 -13.61 -22.81 -2.02
N ASP A 215 -13.18 -22.22 -3.13
CA ASP A 215 -12.94 -23.02 -4.32
C ASP A 215 -12.12 -22.30 -5.40
N ASP A 216 -11.48 -23.09 -6.26
CA ASP A 216 -10.76 -22.57 -7.43
C ASP A 216 -11.74 -22.02 -8.47
N ASN A 217 -12.93 -22.61 -8.49
CA ASN A 217 -13.91 -22.35 -9.53
C ASN A 217 -15.04 -21.51 -8.95
N VAL A 218 -15.19 -20.31 -9.49
CA VAL A 218 -16.12 -19.35 -8.94
C VAL A 218 -17.57 -19.83 -8.88
N MET A 219 -18.08 -20.39 -9.97
CA MET A 219 -19.48 -20.82 -9.98
C MET A 219 -19.73 -21.87 -8.90
N ALA A 220 -18.71 -22.68 -8.63
CA ALA A 220 -18.78 -23.67 -7.58
C ALA A 220 -18.80 -23.03 -6.21
N LEU A 221 -18.02 -21.97 -6.05
CA LEU A 221 -17.99 -21.26 -4.79
C LEU A 221 -19.36 -20.64 -4.52
N TYR A 222 -19.96 -20.01 -5.53
CA TYR A 222 -21.35 -19.55 -5.45
C TYR A 222 -22.21 -20.63 -4.82
N LYS A 223 -22.10 -21.81 -5.43
CA LYS A 223 -22.88 -23.00 -5.11
C LYS A 223 -22.72 -23.47 -3.66
N LYS A 224 -21.48 -23.69 -3.22
CA LYS A 224 -21.18 -24.15 -1.86
C LYS A 224 -21.83 -23.26 -0.83
N ILE A 225 -21.58 -21.96 -0.98
CA ILE A 225 -22.14 -20.93 -0.12
C ILE A 225 -23.66 -21.10 0.00
N MET A 226 -24.30 -21.21 -1.15
CA MET A 226 -25.75 -21.31 -1.22
C MET A 226 -26.29 -22.59 -0.58
N ARG A 227 -25.50 -23.64 -0.64
CA ARG A 227 -25.89 -24.89 0.00
C ARG A 227 -25.85 -24.72 1.48
N GLY A 228 -24.71 -24.32 2.00
CA GLY A 228 -24.62 -23.99 3.41
C GLY A 228 -23.85 -25.02 4.21
N LYS A 229 -23.30 -26.00 3.52
CA LYS A 229 -22.56 -27.07 4.17
C LYS A 229 -21.03 -26.82 4.20
N TYR A 230 -20.45 -26.95 5.39
CA TYR A 230 -19.03 -26.72 5.64
C TYR A 230 -18.43 -27.76 6.61
N ASP A 231 -17.14 -28.03 6.44
CA ASP A 231 -16.35 -28.88 7.32
C ASP A 231 -16.30 -28.36 8.75
N VAL A 232 -16.12 -29.25 9.72
CA VAL A 232 -16.11 -28.87 11.12
C VAL A 232 -14.85 -29.47 11.73
N PRO A 233 -13.76 -28.71 11.69
CA PRO A 233 -12.46 -29.28 12.10
C PRO A 233 -12.48 -29.86 13.51
N LYS A 234 -11.75 -30.96 13.70
CA LYS A 234 -11.73 -31.71 14.94
C LYS A 234 -11.45 -30.84 16.17
N TRP A 235 -10.67 -29.79 15.97
CA TRP A 235 -10.19 -28.98 17.10
C TRP A 235 -11.26 -28.01 17.59
N LEU A 236 -12.35 -27.91 16.85
CA LEU A 236 -13.47 -27.06 17.25
C LEU A 236 -14.33 -27.66 18.36
N SER A 237 -14.47 -26.92 19.44
CA SER A 237 -15.38 -27.23 20.53
C SER A 237 -16.82 -27.17 20.08
N PRO A 238 -17.72 -27.87 20.80
CA PRO A 238 -19.15 -27.87 20.46
C PRO A 238 -19.82 -26.49 20.64
N SER A 239 -19.29 -25.66 21.53
CA SER A 239 -19.79 -24.29 21.69
C SER A 239 -19.53 -23.48 20.41
N SER A 240 -18.29 -23.51 19.95
CA SER A 240 -17.93 -22.92 18.67
C SER A 240 -18.85 -23.44 17.57
N ILE A 241 -19.04 -24.77 17.53
CA ILE A 241 -19.92 -25.38 16.52
C ILE A 241 -21.37 -24.89 16.62
N LEU A 242 -21.88 -24.77 17.83
CA LEU A 242 -23.21 -24.24 18.03
C LEU A 242 -23.35 -22.84 17.47
N LEU A 243 -22.53 -21.91 17.97
CA LEU A 243 -22.59 -20.51 17.56
C LEU A 243 -22.45 -20.41 16.06
N LEU A 244 -21.43 -21.08 15.52
CA LEU A 244 -21.19 -21.09 14.09
C LEU A 244 -22.44 -21.43 13.34
N GLN A 245 -23.12 -22.48 13.83
CA GLN A 245 -24.37 -22.99 13.25
C GLN A 245 -25.50 -21.97 13.30
N GLN A 246 -25.58 -21.24 14.42
CA GLN A 246 -26.60 -20.21 14.57
C GLN A 246 -26.32 -18.93 13.74
N MET A 247 -25.04 -18.67 13.45
CA MET A 247 -24.66 -17.51 12.65
C MET A 247 -24.71 -17.80 11.18
N LEU A 248 -24.25 -18.99 10.80
CA LEU A 248 -24.16 -19.36 9.39
C LEU A 248 -25.41 -20.00 8.81
N GLN A 249 -26.57 -19.47 9.20
CA GLN A 249 -27.86 -19.91 8.70
C GLN A 249 -28.13 -19.47 7.27
N VAL A 250 -28.40 -20.39 6.37
CA VAL A 250 -28.67 -20.00 4.99
C VAL A 250 -29.92 -19.15 4.87
N ASP A 251 -30.88 -19.37 5.77
CA ASP A 251 -32.07 -18.53 5.86
C ASP A 251 -31.83 -17.39 6.86
N PRO A 252 -31.98 -16.14 6.39
CA PRO A 252 -31.78 -14.92 7.18
C PRO A 252 -32.57 -14.88 8.50
N LYS A 253 -33.80 -15.36 8.49
CA LYS A 253 -34.65 -15.25 9.69
C LYS A 253 -34.27 -16.28 10.76
N LYS A 254 -33.72 -17.39 10.34
CA LYS A 254 -33.26 -18.43 11.25
C LYS A 254 -31.89 -18.06 11.77
N ARG A 255 -31.32 -17.01 11.22
CA ARG A 255 -29.98 -16.60 11.61
C ARG A 255 -30.08 -15.92 12.95
N ILE A 256 -29.09 -16.12 13.82
CA ILE A 256 -29.08 -15.46 15.13
C ILE A 256 -29.20 -13.96 14.93
N SER A 257 -29.69 -13.28 15.95
CA SER A 257 -29.90 -11.86 15.87
C SER A 257 -28.84 -11.14 16.67
N MET A 258 -28.62 -9.89 16.31
CA MET A 258 -27.62 -9.05 16.94
C MET A 258 -27.84 -9.03 18.45
N LYS A 259 -29.12 -8.95 18.85
CA LYS A 259 -29.51 -8.97 20.26
C LYS A 259 -28.99 -10.20 21.01
N ASN A 260 -29.34 -11.39 20.54
CA ASN A 260 -28.94 -12.64 21.17
C ASN A 260 -27.44 -12.89 21.13
N LEU A 261 -26.80 -12.38 20.09
CA LEU A 261 -25.36 -12.52 19.90
C LEU A 261 -24.54 -11.82 20.97
N LEU A 262 -25.02 -10.66 21.41
CA LEU A 262 -24.26 -9.87 22.35
C LEU A 262 -23.95 -10.61 23.65
N ASN A 263 -24.88 -11.43 24.12
CA ASN A 263 -24.71 -12.13 25.40
C ASN A 263 -24.76 -13.66 25.29
N HIS A 264 -24.60 -14.16 24.08
CA HIS A 264 -24.56 -15.58 23.78
C HIS A 264 -23.61 -16.32 24.73
N PRO A 265 -23.90 -17.61 25.03
CA PRO A 265 -23.05 -18.31 26.00
C PRO A 265 -21.60 -18.42 25.53
N TRP A 266 -21.36 -18.67 24.24
CA TRP A 266 -19.99 -18.69 23.72
C TRP A 266 -19.29 -17.34 23.91
N ILE A 267 -19.97 -16.26 23.55
CA ILE A 267 -19.47 -14.88 23.67
C ILE A 267 -19.10 -14.54 25.12
N MET A 268 -19.86 -15.08 26.07
CA MET A 268 -19.69 -14.73 27.48
C MET A 268 -18.71 -15.64 28.23
N GLN A 269 -18.30 -16.74 27.57
CA GLN A 269 -17.50 -17.80 28.17
C GLN A 269 -16.40 -17.48 29.18
N ASP A 270 -15.56 -16.50 28.93
CA ASP A 270 -14.51 -16.21 29.90
C ASP A 270 -14.71 -14.85 30.54
N TYR A 271 -15.81 -14.19 30.19
CA TYR A 271 -15.99 -12.78 30.49
C TYR A 271 -17.10 -12.56 31.51
N ASN A 272 -18.26 -13.16 31.23
CA ASN A 272 -19.40 -13.18 32.13
C ASN A 272 -20.13 -11.83 32.13
N TYR A 273 -19.72 -10.95 31.22
CA TYR A 273 -20.57 -9.82 30.86
C TYR A 273 -20.72 -9.81 29.34
N PRO A 274 -21.90 -9.39 28.87
CA PRO A 274 -22.12 -9.36 27.41
C PRO A 274 -21.19 -8.34 26.74
N VAL A 275 -21.17 -8.35 25.41
CA VAL A 275 -20.31 -7.44 24.70
C VAL A 275 -20.77 -6.00 24.96
N GLU A 276 -19.83 -5.17 25.43
CA GLU A 276 -20.12 -3.76 25.67
C GLU A 276 -19.85 -2.98 24.40
N TRP A 277 -20.91 -2.79 23.62
CA TRP A 277 -20.77 -2.19 22.30
C TRP A 277 -20.95 -0.69 22.31
N GLN A 278 -21.24 -0.14 23.47
CA GLN A 278 -21.58 1.27 23.59
C GLN A 278 -20.34 2.13 23.37
N SER A 279 -20.51 3.22 22.63
CA SER A 279 -19.38 4.06 22.29
C SER A 279 -18.84 4.74 23.54
N LYS A 280 -17.53 4.71 23.72
CA LYS A 280 -16.88 5.40 24.83
C LYS A 280 -16.35 6.76 24.35
N ASN A 281 -16.59 7.06 23.07
CA ASN A 281 -16.17 8.31 22.41
C ASN A 281 -17.39 9.05 21.85
N PRO A 282 -17.90 10.07 22.57
CA PRO A 282 -19.17 10.71 22.22
C PRO A 282 -19.02 11.93 21.32
N PHE A 283 -20.13 12.37 20.71
CA PHE A 283 -20.14 13.65 20.00
C PHE A 283 -20.46 14.77 20.97
N ILE A 284 -21.23 14.47 22.01
CA ILE A 284 -21.77 15.51 22.88
C ILE A 284 -20.94 15.71 24.15
N HIS A 285 -20.44 14.63 24.75
CA HIS A 285 -19.57 14.80 25.92
C HIS A 285 -18.15 15.16 25.49
N LEU A 286 -17.83 16.44 25.65
CA LEU A 286 -16.49 16.94 25.41
C LEU A 286 -15.61 16.78 26.65
N ASP A 287 -14.29 16.89 26.45
CA ASP A 287 -13.33 16.70 27.52
C ASP A 287 -12.79 18.02 28.10
N ASP A 288 -12.99 18.24 29.40
CA ASP A 288 -12.57 19.49 30.05
C ASP A 288 -11.07 19.70 29.93
N ASP A 289 -10.30 18.64 30.20
CA ASP A 289 -8.83 18.64 30.06
C ASP A 289 -8.39 19.08 28.66
N CYS A 290 -9.09 18.57 27.65
CA CYS A 290 -8.78 18.87 26.26
C CYS A 290 -9.19 20.26 25.80
N VAL A 291 -10.37 20.69 26.22
CA VAL A 291 -10.89 22.01 25.87
C VAL A 291 -10.07 23.14 26.51
N THR A 292 -9.57 22.90 27.71
CA THR A 292 -8.76 23.90 28.42
C THR A 292 -7.49 24.20 27.64
N GLU A 293 -6.75 23.15 27.30
CA GLU A 293 -5.56 23.27 26.48
C GLU A 293 -5.81 23.99 25.14
N LEU A 294 -6.92 23.66 24.49
CA LEU A 294 -7.30 24.24 23.20
C LEU A 294 -7.67 25.73 23.35
N SER A 295 -8.17 26.08 24.53
CA SER A 295 -8.57 27.45 24.84
C SER A 295 -7.35 28.33 24.96
N VAL A 296 -6.26 27.78 25.48
CA VAL A 296 -5.00 28.51 25.61
C VAL A 296 -4.37 28.81 24.24
N HIS A 297 -4.51 27.87 23.31
CA HIS A 297 -3.92 27.99 21.97
C HIS A 297 -4.70 28.94 21.08
N HIS A 298 -6.03 28.92 21.22
CA HIS A 298 -6.88 29.80 20.41
C HIS A 298 -7.28 31.08 21.12
N ARG A 299 -6.87 31.17 22.38
CA ARG A 299 -7.15 32.33 23.22
C ARG A 299 -8.65 32.65 23.16
N ASN A 300 -9.47 31.64 23.46
CA ASN A 300 -10.93 31.82 23.55
C ASN A 300 -11.38 31.20 24.86
N ASN A 301 -12.57 31.55 25.34
CA ASN A 301 -13.08 30.98 26.60
C ASN A 301 -13.71 29.62 26.40
N ARG A 302 -13.92 28.92 27.52
CA ARG A 302 -14.44 27.56 27.53
C ARG A 302 -15.79 27.42 26.81
N GLN A 303 -16.58 28.47 26.74
CA GLN A 303 -17.89 28.39 26.10
C GLN A 303 -17.78 28.44 24.59
N THR A 304 -17.08 29.45 24.08
CA THR A 304 -16.87 29.63 22.64
C THR A 304 -16.23 28.37 22.05
N MET A 305 -15.17 27.91 22.70
CA MET A 305 -14.39 26.75 22.26
C MET A 305 -15.27 25.50 22.15
N GLU A 306 -15.97 25.19 23.23
CA GLU A 306 -16.93 24.09 23.25
C GLU A 306 -17.99 24.18 22.16
N ASP A 307 -18.58 25.36 21.96
CA ASP A 307 -19.55 25.53 20.90
C ASP A 307 -18.90 25.24 19.54
N LEU A 308 -17.65 25.67 19.39
CA LEU A 308 -16.86 25.50 18.17
C LEU A 308 -16.49 24.05 17.85
N ILE A 309 -16.01 23.33 18.86
CA ILE A 309 -15.68 21.92 18.75
C ILE A 309 -16.92 21.06 18.47
N SER A 310 -18.05 21.43 19.06
CA SER A 310 -19.31 20.71 18.91
C SER A 310 -19.91 20.75 17.51
N LEU A 311 -19.37 21.57 16.62
CA LEU A 311 -19.87 21.62 15.25
C LEU A 311 -19.38 20.44 14.43
N TRP A 312 -18.32 19.78 14.92
CA TRP A 312 -17.73 18.62 14.28
C TRP A 312 -17.67 18.79 12.78
N GLN A 313 -16.83 19.73 12.34
CA GLN A 313 -16.73 20.05 10.92
C GLN A 313 -15.71 19.12 10.27
N TYR A 314 -15.05 18.32 11.10
CA TYR A 314 -13.95 17.50 10.63
C TYR A 314 -12.93 18.34 9.85
N ASP A 315 -12.77 19.59 10.31
CA ASP A 315 -11.63 20.42 9.90
C ASP A 315 -10.47 20.23 10.87
N HIS A 316 -9.57 21.22 10.92
CA HIS A 316 -8.40 21.10 11.77
C HIS A 316 -8.74 21.06 13.27
N LEU A 317 -9.85 21.69 13.64
CA LEU A 317 -10.32 21.67 15.03
C LEU A 317 -10.78 20.29 15.48
N THR A 318 -11.57 19.62 14.65
CA THR A 318 -12.00 18.26 14.94
C THR A 318 -10.80 17.33 15.09
N ALA A 319 -9.86 17.43 14.16
CA ALA A 319 -8.64 16.63 14.22
C ALA A 319 -7.81 17.01 15.46
N THR A 320 -7.85 18.25 15.90
CA THR A 320 -6.98 18.62 17.00
C THR A 320 -7.57 18.05 18.30
N TYR A 321 -8.86 18.26 18.53
CA TYR A 321 -9.56 17.69 19.69
C TYR A 321 -9.50 16.16 19.74
N LEU A 322 -9.79 15.49 18.63
CA LEU A 322 -9.78 14.04 18.63
C LEU A 322 -8.40 13.49 18.90
N LEU A 323 -7.38 14.09 18.29
CA LEU A 323 -6.02 13.61 18.45
C LEU A 323 -5.49 13.95 19.82
N LEU A 324 -6.11 14.92 20.46
CA LEU A 324 -5.79 15.23 21.85
C LEU A 324 -6.34 14.16 22.79
N LEU A 325 -7.61 13.79 22.59
CA LEU A 325 -8.23 12.69 23.34
C LEU A 325 -7.38 11.43 23.31
N ALA A 326 -7.05 10.98 22.11
CA ALA A 326 -6.11 9.86 21.91
C ALA A 326 -4.76 10.11 22.59
N LYS A 327 -4.30 11.36 22.52
CA LYS A 327 -3.02 11.73 23.12
C LYS A 327 -3.14 11.60 24.64
N LYS A 328 -4.34 11.87 25.16
CA LYS A 328 -4.63 11.65 26.58
C LYS A 328 -4.80 10.17 26.90
N ALA A 329 -5.52 9.47 26.02
CA ALA A 329 -5.81 8.04 26.19
C ALA A 329 -4.56 7.19 26.31
N ARG A 330 -3.40 7.78 26.02
CA ARG A 330 -2.14 7.10 26.18
C ARG A 330 -1.54 7.52 27.51
N GLY A 331 -2.24 8.43 28.19
CA GLY A 331 -1.82 8.93 29.48
C GLY A 331 -0.65 9.86 29.30
N LYS A 332 -0.46 10.29 28.05
CA LYS A 332 0.59 11.23 27.69
C LYS A 332 0.13 12.65 27.96
N PRO A 333 1.09 13.59 28.13
CA PRO A 333 0.77 15.01 28.34
C PRO A 333 -0.27 15.58 27.36
N VAL A 334 -1.26 16.28 27.88
CA VAL A 334 -2.27 16.93 27.05
C VAL A 334 -1.78 18.30 26.56
N ARG A 335 -0.68 18.29 25.79
CA ARG A 335 -0.07 19.53 25.31
C ARG A 335 -0.16 19.64 23.79
N LEU A 336 0.02 20.85 23.26
CA LEU A 336 0.15 21.09 21.81
C LEU A 336 1.55 21.58 21.43
N ARG A 337 1.78 21.79 20.13
CA ARG A 337 3.06 22.32 19.65
C ARG A 337 3.07 23.85 19.78
N SER B 2 -12.60 -14.62 -5.24
CA SER B 2 -13.47 -13.68 -4.55
C SER B 2 -13.40 -13.91 -3.06
N GLY B 3 -12.25 -13.57 -2.47
CA GLY B 3 -12.04 -13.83 -1.07
C GLY B 3 -11.20 -15.07 -0.88
N SER B 4 -11.05 -15.83 -1.96
CA SER B 4 -10.48 -17.16 -1.86
C SER B 4 -9.10 -17.18 -1.22
N MET B 5 -8.89 -18.10 -0.29
CA MET B 5 -7.56 -18.28 0.26
C MET B 5 -6.86 -19.47 -0.39
N LYS B 6 -7.57 -20.13 -1.31
CA LYS B 6 -7.05 -21.30 -2.00
C LYS B 6 -6.21 -20.89 -3.21
N ASP B 7 -6.32 -19.62 -3.57
CA ASP B 7 -5.50 -19.08 -4.65
C ASP B 7 -4.04 -19.05 -4.22
N TYR B 8 -3.84 -18.78 -2.94
CA TYR B 8 -2.50 -18.61 -2.39
C TYR B 8 -1.76 -19.94 -2.33
N ASP B 9 -2.45 -21.03 -2.70
CA ASP B 9 -1.90 -22.37 -2.53
C ASP B 9 -0.60 -22.59 -3.31
N GLU B 10 -0.62 -22.35 -4.61
CA GLU B 10 0.57 -22.63 -5.40
C GLU B 10 1.72 -21.68 -4.99
N LEU B 11 1.37 -20.51 -4.50
CA LEU B 11 2.36 -19.56 -4.00
C LEU B 11 3.05 -20.07 -2.73
N LEU B 12 2.25 -20.45 -1.72
CA LEU B 12 2.78 -20.78 -0.40
C LEU B 12 3.61 -22.08 -0.39
N LYS B 13 3.68 -22.77 -1.52
CA LYS B 13 4.73 -23.74 -1.72
C LYS B 13 6.09 -23.01 -1.66
N TYR B 14 6.20 -21.92 -2.41
CA TYR B 14 7.50 -21.27 -2.65
C TYR B 14 7.83 -20.10 -1.76
N TYR B 15 6.80 -19.35 -1.35
CA TYR B 15 7.05 -18.15 -0.57
C TYR B 15 6.19 -18.14 0.67
N GLU B 16 6.77 -17.62 1.75
CA GLU B 16 6.05 -17.53 2.99
C GLU B 16 5.74 -16.05 3.27
N LEU B 17 4.44 -15.75 3.22
CA LEU B 17 3.95 -14.38 3.25
C LEU B 17 4.15 -13.69 4.58
N HIS B 18 4.25 -12.37 4.53
CA HIS B 18 4.33 -11.53 5.71
C HIS B 18 3.38 -10.37 5.40
N GLU B 19 3.60 -9.22 6.05
CA GLU B 19 2.68 -8.08 5.98
C GLU B 19 2.42 -7.48 4.58
N THR B 20 1.34 -6.71 4.48
CA THR B 20 0.95 -5.96 3.28
C THR B 20 1.62 -4.57 3.18
N ILE B 21 1.71 -4.00 1.97
CA ILE B 21 2.13 -2.62 1.78
C ILE B 21 1.28 -1.92 0.71
N GLY B 22 0.48 -2.68 -0.03
CA GLY B 22 -0.51 -2.12 -0.91
C GLY B 22 -0.04 -1.92 -2.33
N LYS B 28 -2.48 -5.41 -5.31
CA LYS B 28 -2.20 -5.78 -3.92
C LYS B 28 -0.76 -6.21 -3.72
N VAL B 29 -0.15 -5.76 -2.63
CA VAL B 29 1.28 -5.97 -2.47
C VAL B 29 1.60 -6.53 -1.10
N LYS B 30 2.04 -7.79 -1.09
CA LYS B 30 2.44 -8.46 0.15
C LYS B 30 3.95 -8.72 0.08
N LEU B 31 4.62 -8.36 1.17
CA LEU B 31 6.04 -8.62 1.36
C LEU B 31 6.25 -10.06 1.86
N ALA B 32 7.05 -10.86 1.13
CA ALA B 32 7.24 -12.27 1.48
C ALA B 32 8.70 -12.70 1.58
N CYS B 33 8.89 -13.98 1.90
CA CYS B 33 10.22 -14.59 2.00
C CYS B 33 10.29 -15.79 1.08
N HIS B 34 11.34 -15.87 0.26
CA HIS B 34 11.51 -16.99 -0.64
C HIS B 34 12.10 -18.15 0.13
N ILE B 35 11.27 -19.15 0.39
CA ILE B 35 11.60 -20.24 1.30
C ILE B 35 12.98 -20.83 1.02
N LEU B 36 13.24 -21.22 -0.22
CA LEU B 36 14.48 -21.91 -0.54
C LEU B 36 15.74 -21.13 -0.20
N THR B 37 15.68 -19.81 -0.36
CA THR B 37 16.89 -19.00 -0.21
C THR B 37 16.80 -18.09 1.01
N GLY B 38 15.58 -17.87 1.48
CA GLY B 38 15.36 -17.06 2.67
C GLY B 38 15.37 -15.61 2.29
N GLU B 39 15.56 -15.33 1.01
CA GLU B 39 15.58 -13.97 0.49
C GLU B 39 14.21 -13.31 0.51
N MET B 40 14.18 -12.04 0.91
CA MET B 40 12.94 -11.28 0.94
C MET B 40 12.54 -10.82 -0.45
N VAL B 41 11.26 -10.92 -0.76
CA VAL B 41 10.75 -10.38 -2.00
C VAL B 41 9.49 -9.58 -1.72
N ALA B 42 8.83 -9.15 -2.78
CA ALA B 42 7.61 -8.38 -2.64
C ALA B 42 6.68 -8.91 -3.71
N ILE B 43 5.53 -9.41 -3.28
CA ILE B 43 4.69 -10.13 -4.19
C ILE B 43 3.57 -9.22 -4.60
N LYS B 44 3.44 -9.06 -5.91
CA LYS B 44 2.38 -8.25 -6.45
C LYS B 44 1.30 -9.21 -6.84
N ILE B 45 0.23 -9.17 -6.06
CA ILE B 45 -0.89 -10.07 -6.22
C ILE B 45 -1.99 -9.32 -6.99
N MET B 46 -2.30 -9.85 -8.16
CA MET B 46 -3.34 -9.28 -9.01
C MET B 46 -4.50 -10.27 -9.01
N ASP B 47 -5.71 -9.75 -8.89
CA ASP B 47 -6.91 -10.60 -8.87
C ASP B 47 -7.45 -10.59 -10.31
N LYS B 48 -7.36 -11.74 -10.97
CA LYS B 48 -7.73 -11.89 -12.37
C LYS B 48 -9.06 -11.23 -12.74
N LYS B 59 -0.37 -6.78 -18.91
CA LYS B 59 0.12 -8.12 -19.19
C LYS B 59 1.36 -8.16 -20.05
N THR B 60 1.35 -7.44 -21.16
CA THR B 60 2.44 -7.51 -22.12
C THR B 60 3.72 -6.93 -21.54
N GLU B 61 3.58 -5.90 -20.71
CA GLU B 61 4.73 -5.28 -20.04
C GLU B 61 5.55 -6.29 -19.24
N ILE B 62 4.93 -7.42 -18.87
CA ILE B 62 5.66 -8.49 -18.21
C ILE B 62 6.74 -9.03 -19.14
N GLU B 63 6.36 -9.27 -20.40
CA GLU B 63 7.30 -9.73 -21.39
C GLU B 63 8.46 -8.74 -21.54
N ALA B 64 8.16 -7.46 -21.36
CA ALA B 64 9.18 -6.41 -21.36
C ALA B 64 10.18 -6.62 -20.22
N LEU B 65 9.65 -6.75 -19.00
CA LEU B 65 10.45 -6.99 -17.81
C LEU B 65 11.24 -8.29 -17.88
N LYS B 66 10.69 -9.29 -18.58
CA LYS B 66 11.38 -10.55 -18.74
C LYS B 66 12.67 -10.34 -19.52
N ASN B 67 12.71 -9.33 -20.37
CA ASN B 67 13.87 -9.07 -21.19
C ASN B 67 14.82 -8.00 -20.63
N LEU B 68 14.37 -7.26 -19.61
CA LEU B 68 15.20 -6.24 -18.95
C LEU B 68 15.83 -6.75 -17.65
N ARG B 69 17.15 -6.70 -17.55
CA ARG B 69 17.85 -7.13 -16.34
C ARG B 69 19.02 -6.22 -16.01
N HIS B 70 18.91 -5.46 -14.92
CA HIS B 70 19.82 -4.32 -14.71
C HIS B 70 19.84 -3.83 -13.25
N GLN B 71 21.01 -3.33 -12.86
CA GLN B 71 21.29 -2.98 -11.46
C GLN B 71 20.51 -1.75 -10.94
N HIS B 72 19.70 -1.12 -11.79
CA HIS B 72 18.77 -0.07 -11.33
C HIS B 72 17.36 -0.34 -11.86
N ILE B 73 17.16 -1.53 -12.38
CA ILE B 73 15.83 -1.95 -12.72
C ILE B 73 15.34 -2.99 -11.75
N CYS B 74 14.18 -2.71 -11.13
CA CYS B 74 13.53 -3.60 -10.18
C CYS B 74 13.30 -4.97 -10.78
N GLN B 75 14.04 -5.94 -10.28
CA GLN B 75 14.19 -7.27 -10.89
C GLN B 75 12.94 -8.17 -10.77
N LEU B 76 12.63 -8.85 -11.86
CA LEU B 76 11.53 -9.79 -11.89
C LEU B 76 12.05 -11.22 -11.68
N TYR B 77 11.69 -11.80 -10.55
CA TYR B 77 12.18 -13.11 -10.17
C TYR B 77 11.26 -14.26 -10.62
N HIS B 78 9.95 -14.03 -10.55
CA HIS B 78 9.03 -15.14 -10.68
C HIS B 78 7.63 -14.67 -11.05
N VAL B 79 7.05 -15.28 -12.08
CA VAL B 79 5.64 -15.10 -12.34
C VAL B 79 4.88 -16.43 -12.25
N LEU B 80 3.91 -16.48 -11.34
CA LEU B 80 3.01 -17.61 -11.12
C LEU B 80 1.63 -17.32 -11.68
N GLU B 81 1.27 -17.99 -12.76
CA GLU B 81 -0.06 -17.81 -13.30
C GLU B 81 -0.89 -19.02 -12.93
N THR B 82 -1.92 -18.78 -12.12
CA THR B 82 -2.87 -19.82 -11.80
C THR B 82 -4.11 -19.60 -12.65
N ALA B 83 -5.15 -20.39 -12.42
CA ALA B 83 -6.39 -20.22 -13.17
C ALA B 83 -7.27 -19.11 -12.60
N ASN B 84 -6.99 -18.68 -11.36
CA ASN B 84 -7.81 -17.66 -10.71
C ASN B 84 -7.07 -16.34 -10.44
N LYS B 85 -5.73 -16.37 -10.40
CA LYS B 85 -4.94 -15.18 -10.08
C LYS B 85 -3.69 -14.99 -10.94
N ILE B 86 -2.99 -13.88 -10.70
CA ILE B 86 -1.65 -13.68 -11.24
C ILE B 86 -0.75 -13.16 -10.12
N PHE B 87 0.37 -13.82 -9.88
CA PHE B 87 1.33 -13.36 -8.88
C PHE B 87 2.60 -12.83 -9.55
N MET B 88 3.13 -11.72 -9.05
CA MET B 88 4.40 -11.20 -9.58
C MET B 88 5.43 -11.03 -8.48
N VAL B 89 6.44 -11.87 -8.50
CA VAL B 89 7.48 -11.80 -7.51
C VAL B 89 8.50 -10.82 -8.02
N LEU B 90 8.75 -9.79 -7.23
CA LEU B 90 9.62 -8.72 -7.68
C LEU B 90 10.61 -8.32 -6.59
N GLU B 91 11.66 -7.61 -6.99
CA GLU B 91 12.67 -7.17 -6.04
C GLU B 91 11.99 -6.25 -5.05
N TYR B 92 12.29 -6.41 -3.76
CA TYR B 92 11.65 -5.55 -2.79
C TYR B 92 12.55 -4.33 -2.49
N CYS B 93 11.95 -3.15 -2.52
CA CYS B 93 12.70 -1.93 -2.22
C CYS B 93 12.22 -1.32 -0.91
N PRO B 94 12.94 -1.63 0.17
CA PRO B 94 12.69 -1.21 1.56
C PRO B 94 12.72 0.31 1.77
N GLY B 95 13.44 1.05 0.92
CA GLY B 95 13.63 2.47 1.16
C GLY B 95 12.43 3.29 0.78
N GLY B 96 11.63 2.77 -0.15
CA GLY B 96 10.41 3.43 -0.56
C GLY B 96 10.55 4.39 -1.74
N GLU B 97 9.46 5.09 -2.01
CA GLU B 97 9.34 6.02 -3.13
C GLU B 97 10.36 7.14 -3.05
N LEU B 98 10.93 7.52 -4.20
CA LEU B 98 11.82 8.69 -4.29
C LEU B 98 11.06 9.96 -3.91
N PHE B 99 9.80 10.04 -4.34
CA PHE B 99 8.92 11.15 -4.01
C PHE B 99 8.96 11.50 -2.54
N ASP B 100 8.79 10.48 -1.67
CA ASP B 100 8.79 10.73 -0.25
C ASP B 100 10.14 11.26 0.21
N TYR B 101 11.21 10.82 -0.43
CA TYR B 101 12.56 11.28 -0.09
C TYR B 101 12.77 12.74 -0.44
N ILE B 102 12.22 13.15 -1.58
CA ILE B 102 12.28 14.53 -1.99
C ILE B 102 11.59 15.40 -0.98
N ILE B 103 10.36 15.03 -0.65
CA ILE B 103 9.58 15.81 0.32
C ILE B 103 10.23 15.77 1.70
N SER B 104 10.87 14.64 2.00
CA SER B 104 11.51 14.42 3.29
C SER B 104 12.58 15.46 3.55
N GLN B 105 13.24 15.89 2.48
CA GLN B 105 14.37 16.82 2.57
C GLN B 105 14.10 18.22 1.99
N ASP B 106 12.83 18.50 1.69
CA ASP B 106 12.40 19.74 1.04
C ASP B 106 12.89 19.72 -0.40
N ARG B 107 14.21 19.74 -0.59
CA ARG B 107 14.82 19.59 -1.89
C ARG B 107 16.25 19.07 -1.74
N LEU B 108 16.78 18.42 -2.77
CA LEU B 108 18.12 17.82 -2.69
C LEU B 108 19.22 18.77 -3.14
N SER B 109 20.38 18.65 -2.53
CA SER B 109 21.53 19.44 -2.98
C SER B 109 21.99 18.95 -4.35
N GLU B 110 22.80 19.74 -5.03
CA GLU B 110 23.33 19.35 -6.31
C GLU B 110 24.13 18.06 -6.27
N GLU B 111 24.98 17.93 -5.27
CA GLU B 111 25.87 16.79 -5.19
C GLU B 111 25.02 15.56 -5.05
N GLU B 112 24.04 15.64 -4.16
CA GLU B 112 23.15 14.53 -3.94
C GLU B 112 22.35 14.18 -5.17
N THR B 113 21.64 15.17 -5.72
CA THR B 113 20.87 14.99 -6.93
C THR B 113 21.64 14.27 -8.04
N ARG B 114 22.94 14.53 -8.16
CA ARG B 114 23.71 13.88 -9.20
C ARG B 114 23.92 12.39 -8.93
N VAL B 115 24.12 12.02 -7.66
CA VAL B 115 24.25 10.61 -7.27
C VAL B 115 23.04 9.85 -7.73
N VAL B 116 21.91 10.48 -7.47
CA VAL B 116 20.61 9.94 -7.79
C VAL B 116 20.39 9.86 -9.28
N PHE B 117 20.71 10.96 -9.96
CA PHE B 117 20.31 11.12 -11.35
C PHE B 117 21.17 10.29 -12.27
N ARG B 118 22.38 9.96 -11.83
CA ARG B 118 23.25 9.13 -12.67
C ARG B 118 22.63 7.73 -12.75
N GLN B 119 22.00 7.32 -11.65
CA GLN B 119 21.31 6.04 -11.60
C GLN B 119 20.02 6.04 -12.44
N ILE B 120 19.25 7.12 -12.37
CA ILE B 120 18.09 7.25 -13.26
C ILE B 120 18.56 7.26 -14.72
N VAL B 121 19.72 7.85 -14.98
CA VAL B 121 20.22 7.86 -16.35
C VAL B 121 20.70 6.49 -16.76
N SER B 122 21.46 5.84 -15.87
CA SER B 122 21.96 4.48 -16.11
C SER B 122 20.84 3.53 -16.49
N ALA B 123 19.74 3.61 -15.75
CA ALA B 123 18.59 2.77 -16.02
C ALA B 123 17.94 3.11 -17.36
N VAL B 124 17.59 4.38 -17.59
CA VAL B 124 16.87 4.74 -18.81
C VAL B 124 17.75 4.50 -20.04
N ALA B 125 19.04 4.73 -19.90
CA ALA B 125 19.97 4.37 -20.96
C ALA B 125 19.83 2.89 -21.31
N TYR B 126 19.96 2.01 -20.32
CA TYR B 126 19.94 0.58 -20.59
C TYR B 126 18.61 0.18 -21.19
N VAL B 127 17.52 0.67 -20.61
CA VAL B 127 16.20 0.45 -21.16
C VAL B 127 16.13 0.86 -22.63
N HIS B 128 16.73 1.99 -22.97
CA HIS B 128 16.68 2.47 -24.36
C HIS B 128 17.42 1.53 -25.30
N SER B 129 18.49 0.93 -24.80
CA SER B 129 19.26 0.05 -25.64
C SER B 129 18.40 -1.11 -26.11
N GLN B 130 17.54 -1.59 -25.24
CA GLN B 130 16.74 -2.80 -25.46
C GLN B 130 15.48 -2.54 -26.29
N GLY B 131 15.44 -1.37 -26.91
CA GLY B 131 14.30 -0.97 -27.72
C GLY B 131 13.01 -0.81 -26.94
N TYR B 132 13.11 -0.34 -25.70
CA TYR B 132 11.93 0.04 -24.95
C TYR B 132 12.05 1.50 -24.51
N ALA B 133 10.94 2.22 -24.59
CA ALA B 133 10.85 3.55 -24.01
C ALA B 133 9.93 3.46 -22.82
N HIS B 134 10.42 3.88 -21.66
CA HIS B 134 9.61 3.77 -20.45
C HIS B 134 8.38 4.68 -20.56
N ARG B 135 8.61 5.90 -21.04
CA ARG B 135 7.55 6.88 -21.31
C ARG B 135 6.59 7.09 -20.14
N ASP B 136 7.08 6.82 -18.93
CA ASP B 136 6.34 7.13 -17.71
C ASP B 136 7.29 7.29 -16.52
N LEU B 137 8.21 8.24 -16.62
CA LEU B 137 9.21 8.47 -15.57
C LEU B 137 8.80 9.52 -14.54
N LYS B 138 8.36 9.07 -13.37
CA LYS B 138 8.01 9.98 -12.27
C LYS B 138 8.64 9.47 -10.98
N PRO B 139 8.70 10.29 -9.93
CA PRO B 139 9.40 9.75 -8.75
C PRO B 139 8.59 8.76 -7.91
N GLU B 140 7.39 8.43 -8.38
CA GLU B 140 6.57 7.39 -7.77
C GLU B 140 6.94 6.03 -8.35
N ASN B 141 7.75 6.04 -9.40
CA ASN B 141 8.23 4.82 -10.02
C ASN B 141 9.72 4.69 -9.87
N LEU B 142 10.24 5.24 -8.80
CA LEU B 142 11.61 5.00 -8.46
C LEU B 142 11.67 4.75 -6.98
N LEU B 143 12.16 3.58 -6.59
CA LEU B 143 12.20 3.23 -5.19
C LEU B 143 13.62 2.91 -4.75
N PHE B 144 13.90 3.24 -3.48
CA PHE B 144 15.19 2.96 -2.87
C PHE B 144 15.22 1.51 -2.34
N ASP B 145 16.30 0.79 -2.64
CA ASP B 145 16.52 -0.51 -2.03
C ASP B 145 17.19 -0.28 -0.68
N GLU B 146 17.74 -1.33 -0.08
CA GLU B 146 18.38 -1.18 1.23
C GLU B 146 19.77 -0.56 1.12
N TYR B 147 20.39 -0.69 -0.06
CA TYR B 147 21.68 -0.06 -0.35
C TYR B 147 21.55 1.42 -0.60
N HIS B 148 20.31 1.90 -0.61
CA HIS B 148 19.94 3.28 -0.94
C HIS B 148 20.17 3.54 -2.42
N LYS B 149 20.39 2.48 -3.19
CA LYS B 149 20.45 2.63 -4.65
C LYS B 149 19.04 2.59 -5.24
N LEU B 150 18.86 3.31 -6.34
CA LEU B 150 17.53 3.51 -6.89
C LEU B 150 17.20 2.39 -7.88
N LYS B 151 15.92 2.06 -7.96
CA LYS B 151 15.43 0.99 -8.82
C LYS B 151 14.13 1.39 -9.53
N LEU B 152 14.17 1.37 -10.87
CA LEU B 152 13.05 1.83 -11.69
C LEU B 152 11.92 0.80 -11.79
N ILE B 153 10.65 1.22 -11.86
CA ILE B 153 9.55 0.26 -12.05
C ILE B 153 8.58 0.66 -13.16
N ASP B 154 7.64 -0.24 -13.44
CA ASP B 154 6.70 -0.15 -14.56
C ASP B 154 7.37 0.12 -15.90
N GLY B 174 0.64 9.05 -19.67
CA GLY B 174 0.67 8.54 -18.30
C GLY B 174 0.30 9.58 -17.27
N SER B 175 1.27 9.99 -16.45
CA SER B 175 1.12 11.13 -15.54
C SER B 175 1.53 12.42 -16.25
N LEU B 176 0.84 13.52 -15.96
CA LEU B 176 0.86 14.72 -16.83
C LEU B 176 2.01 15.74 -16.66
N ALA B 177 2.33 16.11 -15.43
CA ALA B 177 3.40 17.06 -15.13
C ALA B 177 4.78 16.62 -15.63
N TYR B 178 4.86 15.40 -16.16
CA TYR B 178 6.11 14.81 -16.63
C TYR B 178 6.00 14.49 -18.11
N ALA B 179 4.81 14.70 -18.66
CA ALA B 179 4.57 14.49 -20.06
C ALA B 179 5.24 15.51 -20.97
N ALA B 180 5.99 15.03 -21.95
CA ALA B 180 6.59 15.90 -22.95
C ALA B 180 5.50 16.50 -23.81
N PRO B 181 5.79 17.63 -24.48
CA PRO B 181 4.72 18.23 -25.26
C PRO B 181 4.26 17.34 -26.42
N GLU B 182 5.18 16.66 -27.10
CA GLU B 182 4.78 15.84 -28.23
C GLU B 182 3.96 14.62 -27.77
N LEU B 183 4.30 14.09 -26.60
CA LEU B 183 3.58 12.92 -26.09
C LEU B 183 2.14 13.30 -25.77
N ILE B 184 1.93 14.54 -25.33
CA ILE B 184 0.58 15.01 -25.07
C ILE B 184 -0.22 15.16 -26.37
N GLN B 185 0.45 15.60 -27.43
CA GLN B 185 -0.13 15.65 -28.78
C GLN B 185 0.13 14.45 -29.71
N GLY B 186 -0.15 13.23 -29.26
CA GLY B 186 0.17 12.04 -30.03
C GLY B 186 1.62 11.91 -30.44
N LEU B 190 7.38 10.01 -30.62
CA LEU B 190 8.78 9.88 -30.98
C LEU B 190 9.46 8.71 -30.29
N GLY B 191 9.42 8.68 -28.96
CA GLY B 191 10.02 7.60 -28.22
C GLY B 191 11.11 8.00 -27.23
N SER B 192 12.33 7.63 -27.54
CA SER B 192 13.46 7.91 -26.69
C SER B 192 13.44 9.30 -26.13
N GLU B 193 13.11 10.26 -26.96
CA GLU B 193 13.32 11.66 -26.63
C GLU B 193 12.35 12.19 -25.56
N ALA B 194 11.16 11.58 -25.47
CA ALA B 194 10.18 11.94 -24.45
C ALA B 194 10.61 11.53 -23.04
N ASP B 195 11.41 10.46 -22.94
CA ASP B 195 11.95 10.04 -21.65
C ASP B 195 12.94 11.05 -21.13
N VAL B 196 13.65 11.67 -22.06
CA VAL B 196 14.63 12.69 -21.77
C VAL B 196 13.97 13.96 -21.24
N TRP B 197 12.80 14.28 -21.76
CA TRP B 197 11.99 15.33 -21.19
C TRP B 197 11.71 15.05 -19.72
N SER B 198 11.32 13.82 -19.47
CA SER B 198 10.90 13.45 -18.14
C SER B 198 12.05 13.38 -17.15
N MET B 199 13.23 12.94 -17.59
CA MET B 199 14.38 12.96 -16.70
C MET B 199 14.65 14.42 -16.32
N GLY B 200 14.30 15.33 -17.21
CA GLY B 200 14.44 16.75 -16.93
C GLY B 200 13.58 17.25 -15.80
N ILE B 201 12.29 16.91 -15.86
CA ILE B 201 11.35 17.25 -14.81
C ILE B 201 11.78 16.66 -13.47
N LEU B 202 12.33 15.45 -13.51
CA LEU B 202 12.85 14.82 -12.32
C LEU B 202 13.97 15.65 -11.76
N LEU B 203 14.94 15.95 -12.61
CA LEU B 203 16.09 16.77 -12.26
C LEU B 203 15.68 18.11 -11.67
N TYR B 204 14.74 18.79 -12.33
CA TYR B 204 14.16 20.01 -11.79
C TYR B 204 13.61 19.79 -10.37
N VAL B 205 12.74 18.80 -10.24
CA VAL B 205 12.08 18.49 -9.00
C VAL B 205 13.09 18.08 -7.94
N LEU B 206 14.05 17.27 -8.31
CA LEU B 206 15.07 16.83 -7.37
C LEU B 206 15.75 18.00 -6.68
N MET B 207 16.04 19.02 -7.46
CA MET B 207 16.84 20.14 -7.02
C MET B 207 16.02 21.32 -6.54
N CYS B 208 14.74 21.34 -6.88
CA CYS B 208 13.87 22.43 -6.47
C CYS B 208 12.81 22.05 -5.43
N GLY B 209 12.37 20.80 -5.46
CA GLY B 209 11.39 20.34 -4.51
C GLY B 209 10.00 20.72 -4.98
N PHE B 210 9.93 21.25 -6.20
CA PHE B 210 8.67 21.51 -6.85
C PHE B 210 8.77 21.39 -8.36
N LEU B 211 7.63 21.28 -9.02
CA LEU B 211 7.58 21.12 -10.47
C LEU B 211 7.81 22.45 -11.18
N PRO B 212 8.44 22.41 -12.37
CA PRO B 212 8.67 23.58 -13.23
C PRO B 212 7.38 24.03 -13.87
N PHE B 213 6.50 23.09 -14.22
CA PHE B 213 5.15 23.39 -14.71
C PHE B 213 4.03 22.85 -13.78
N ASP B 214 3.30 23.75 -13.13
CA ASP B 214 2.29 23.29 -12.19
C ASP B 214 1.17 24.32 -12.01
N ASP B 215 -0.05 23.80 -11.86
CA ASP B 215 -1.23 24.64 -11.65
C ASP B 215 -2.44 23.86 -11.12
N ASP B 216 -3.37 24.61 -10.53
CA ASP B 216 -4.63 24.06 -10.05
C ASP B 216 -5.48 23.56 -11.21
N ASN B 217 -5.33 24.21 -12.36
CA ASN B 217 -6.22 23.94 -13.49
C ASN B 217 -5.45 23.21 -14.58
N VAL B 218 -5.91 22.01 -14.90
CA VAL B 218 -5.25 21.15 -15.87
C VAL B 218 -5.12 21.83 -17.22
N MET B 219 -6.19 22.49 -17.65
CA MET B 219 -6.22 23.16 -18.95
C MET B 219 -5.10 24.20 -19.02
N ALA B 220 -4.86 24.84 -17.88
CA ALA B 220 -3.80 25.83 -17.72
C ALA B 220 -2.40 25.19 -17.73
N LEU B 221 -2.28 24.03 -17.09
CA LEU B 221 -1.02 23.27 -17.06
C LEU B 221 -0.60 22.83 -18.47
N TYR B 222 -1.56 22.35 -19.26
CA TYR B 222 -1.32 22.10 -20.69
C TYR B 222 -0.57 23.26 -21.33
N LYS B 223 -1.05 24.48 -21.12
CA LYS B 223 -0.44 25.67 -21.74
C LYS B 223 1.02 25.83 -21.35
N LYS B 224 1.29 25.88 -20.05
CA LYS B 224 2.65 26.10 -19.55
C LYS B 224 3.64 25.13 -20.17
N ILE B 225 3.34 23.83 -20.08
CA ILE B 225 4.16 22.80 -20.71
C ILE B 225 4.40 23.09 -22.18
N MET B 226 3.33 23.43 -22.90
CA MET B 226 3.46 23.65 -24.32
C MET B 226 4.33 24.87 -24.63
N ARG B 227 4.25 25.90 -23.79
CA ARG B 227 5.08 27.08 -23.96
C ARG B 227 6.52 26.70 -23.66
N GLY B 228 6.73 26.15 -22.48
CA GLY B 228 8.02 25.60 -22.14
C GLY B 228 8.78 26.48 -21.17
N LYS B 229 8.15 27.58 -20.77
CA LYS B 229 8.79 28.55 -19.88
C LYS B 229 8.47 28.27 -18.41
N TYR B 230 9.53 28.21 -17.61
CA TYR B 230 9.47 27.96 -16.18
C TYR B 230 10.43 28.83 -15.36
N ASP B 231 10.04 29.08 -14.12
CA ASP B 231 10.84 29.76 -13.11
C ASP B 231 12.15 29.03 -12.81
N VAL B 232 13.17 29.78 -12.38
CA VAL B 232 14.52 29.26 -12.16
C VAL B 232 15.11 29.71 -10.82
N PRO B 233 14.91 28.92 -9.77
CA PRO B 233 15.26 29.30 -8.38
C PRO B 233 16.70 29.76 -8.22
N LYS B 234 16.91 30.77 -7.37
CA LYS B 234 18.23 31.38 -7.15
C LYS B 234 19.29 30.35 -6.79
N TRP B 235 18.90 29.28 -6.14
CA TRP B 235 19.87 28.31 -5.64
C TRP B 235 20.42 27.36 -6.69
N LEU B 236 19.83 27.35 -7.88
CA LEU B 236 20.29 26.47 -8.95
C LEU B 236 21.55 26.98 -9.62
N SER B 237 22.63 26.21 -9.60
CA SER B 237 23.85 26.59 -10.31
C SER B 237 23.66 26.68 -11.83
N PRO B 238 24.50 27.48 -12.50
CA PRO B 238 24.34 27.60 -13.95
C PRO B 238 24.65 26.28 -14.71
N SER B 239 25.45 25.40 -14.12
CA SER B 239 25.73 24.14 -14.79
C SER B 239 24.43 23.39 -14.92
N SER B 240 23.72 23.28 -13.79
CA SER B 240 22.35 22.76 -13.63
C SER B 240 21.32 23.41 -14.53
N ILE B 241 21.35 24.75 -14.57
CA ILE B 241 20.44 25.53 -15.40
C ILE B 241 20.67 25.17 -16.86
N LEU B 242 21.95 25.01 -17.20
CA LEU B 242 22.34 24.60 -18.54
C LEU B 242 21.71 23.28 -18.91
N LEU B 243 22.00 22.26 -18.10
CA LEU B 243 21.53 20.93 -18.35
C LEU B 243 20.03 20.92 -18.47
N LEU B 244 19.35 21.49 -17.49
CA LEU B 244 17.89 21.55 -17.49
C LEU B 244 17.39 22.07 -18.82
N GLN B 245 18.06 23.11 -19.29
CA GLN B 245 17.77 23.77 -20.56
C GLN B 245 17.98 22.84 -21.76
N GLN B 246 19.04 22.04 -21.72
CA GLN B 246 19.30 21.08 -22.80
C GLN B 246 18.33 19.90 -22.77
N MET B 247 17.76 19.61 -21.62
CA MET B 247 16.80 18.54 -21.55
C MET B 247 15.40 19.03 -21.83
N LEU B 248 15.04 20.16 -21.23
CA LEU B 248 13.66 20.62 -21.32
C LEU B 248 13.42 21.46 -22.58
N GLN B 249 14.02 21.04 -23.69
CA GLN B 249 13.78 21.69 -24.96
C GLN B 249 12.40 21.26 -25.40
N VAL B 250 11.53 22.23 -25.66
CA VAL B 250 10.15 21.91 -25.99
C VAL B 250 10.06 21.13 -27.31
N ASP B 251 11.02 21.33 -28.20
CA ASP B 251 11.05 20.53 -29.41
C ASP B 251 11.89 19.28 -29.23
N PRO B 252 11.29 18.11 -29.53
CA PRO B 252 11.94 16.80 -29.38
C PRO B 252 13.31 16.73 -30.01
N LYS B 253 13.47 17.34 -31.18
CA LYS B 253 14.72 17.23 -31.93
C LYS B 253 15.84 18.13 -31.39
N LYS B 254 15.47 19.22 -30.73
CA LYS B 254 16.44 20.12 -30.10
C LYS B 254 16.86 19.58 -28.73
N ARG B 255 16.16 18.54 -28.28
CA ARG B 255 16.45 17.91 -27.00
C ARG B 255 17.69 17.07 -27.11
N ILE B 256 18.49 17.08 -26.06
CA ILE B 256 19.74 16.34 -25.96
C ILE B 256 19.54 14.83 -26.21
N SER B 257 20.60 14.13 -26.57
CA SER B 257 20.50 12.72 -26.86
C SER B 257 21.06 11.93 -25.69
N MET B 258 20.64 10.67 -25.57
CA MET B 258 21.10 9.79 -24.52
C MET B 258 22.65 9.74 -24.48
N LYS B 259 23.26 9.69 -25.67
CA LYS B 259 24.71 9.69 -25.78
C LYS B 259 25.41 10.87 -25.11
N ASN B 260 25.08 12.10 -25.51
CA ASN B 260 25.74 13.26 -24.93
C ASN B 260 25.44 13.40 -23.45
N LEU B 261 24.26 12.95 -23.04
CA LEU B 261 23.87 13.00 -21.65
C LEU B 261 24.77 12.10 -20.80
N LEU B 262 25.16 10.95 -21.35
CA LEU B 262 25.98 9.98 -20.63
C LEU B 262 27.31 10.54 -20.12
N ASN B 263 27.93 11.43 -20.90
CA ASN B 263 29.25 11.93 -20.57
C ASN B 263 29.30 13.45 -20.37
N HIS B 264 28.11 14.05 -20.31
CA HIS B 264 27.88 15.47 -20.13
C HIS B 264 28.67 16.01 -18.94
N PRO B 265 29.14 17.28 -19.02
CA PRO B 265 30.02 17.82 -17.97
C PRO B 265 29.37 17.87 -16.59
N TRP B 266 28.09 18.22 -16.54
CA TRP B 266 27.36 18.18 -15.29
C TRP B 266 27.29 16.78 -14.73
N ILE B 267 26.96 15.83 -15.61
CA ILE B 267 26.85 14.42 -15.26
C ILE B 267 28.18 13.94 -14.70
N MET B 268 29.27 14.47 -15.26
CA MET B 268 30.60 13.98 -14.93
C MET B 268 31.30 14.71 -13.79
N GLN B 269 30.79 15.87 -13.41
CA GLN B 269 31.35 16.64 -12.31
C GLN B 269 31.48 15.77 -11.06
N ASP B 270 32.59 15.91 -10.35
CA ASP B 270 32.89 15.15 -9.14
C ASP B 270 33.05 13.64 -9.39
N TYR B 271 32.89 13.19 -10.63
CA TYR B 271 32.97 11.75 -10.92
C TYR B 271 34.14 11.46 -11.85
N ASN B 272 34.15 12.16 -12.98
CA ASN B 272 35.26 12.15 -13.92
C ASN B 272 35.31 10.88 -14.80
N TYR B 273 34.29 10.04 -14.69
CA TYR B 273 34.01 9.01 -15.72
C TYR B 273 32.55 9.13 -16.12
N PRO B 274 32.22 8.78 -17.38
CA PRO B 274 30.83 8.91 -17.84
C PRO B 274 29.90 7.93 -17.14
N VAL B 275 28.60 8.13 -17.30
CA VAL B 275 27.65 7.24 -16.67
C VAL B 275 27.80 5.87 -17.30
N GLU B 276 28.07 4.86 -16.49
CA GLU B 276 28.24 3.51 -17.00
C GLU B 276 26.92 2.76 -16.98
N TRP B 277 26.29 2.75 -18.15
CA TRP B 277 24.92 2.26 -18.30
C TRP B 277 24.88 0.78 -18.66
N GLN B 278 26.06 0.22 -18.89
CA GLN B 278 26.16 -1.12 -19.40
C GLN B 278 25.78 -2.06 -18.27
N SER B 279 24.92 -3.03 -18.56
CA SER B 279 24.38 -3.91 -17.53
C SER B 279 25.41 -4.81 -16.87
N LYS B 280 25.32 -4.90 -15.55
CA LYS B 280 26.21 -5.74 -14.76
C LYS B 280 25.55 -7.09 -14.49
N ASN B 281 24.33 -7.23 -15.01
CA ASN B 281 23.50 -8.41 -14.76
C ASN B 281 23.13 -9.14 -16.06
N PRO B 282 23.84 -10.24 -16.39
CA PRO B 282 23.70 -10.84 -17.72
C PRO B 282 22.69 -11.98 -17.83
N PHE B 283 22.27 -12.27 -19.07
CA PHE B 283 21.49 -13.47 -19.38
C PHE B 283 22.41 -14.65 -19.71
N ILE B 284 23.60 -14.36 -20.25
CA ILE B 284 24.44 -15.41 -20.81
C ILE B 284 25.49 -15.92 -19.83
N HIS B 285 26.11 -15.03 -19.07
CA HIS B 285 27.11 -15.47 -18.09
C HIS B 285 26.45 -15.98 -16.79
N LEU B 286 26.45 -17.30 -16.63
CA LEU B 286 25.96 -17.91 -15.40
C LEU B 286 27.03 -17.96 -14.33
N ASP B 287 26.58 -18.09 -13.10
CA ASP B 287 27.47 -18.10 -11.95
C ASP B 287 27.69 -19.54 -11.54
N ASP B 288 28.93 -20.01 -11.58
CA ASP B 288 29.18 -21.44 -11.31
C ASP B 288 28.74 -21.87 -9.92
N ASP B 289 29.07 -21.07 -8.90
CA ASP B 289 28.65 -21.33 -7.53
C ASP B 289 27.15 -21.56 -7.40
N CYS B 290 26.37 -20.71 -8.07
CA CYS B 290 24.92 -20.78 -8.01
C CYS B 290 24.47 -21.98 -8.82
N VAL B 291 25.11 -22.21 -9.95
CA VAL B 291 24.83 -23.36 -10.77
C VAL B 291 25.29 -24.62 -10.06
N THR B 292 26.38 -24.53 -9.32
CA THR B 292 26.85 -25.70 -8.57
C THR B 292 25.82 -26.13 -7.50
N GLU B 293 25.48 -25.21 -6.59
CA GLU B 293 24.44 -25.42 -5.59
C GLU B 293 23.11 -25.87 -6.16
N LEU B 294 22.69 -25.31 -7.29
CA LEU B 294 21.43 -25.73 -7.87
C LEU B 294 21.46 -27.14 -8.44
N SER B 295 22.60 -27.55 -8.98
CA SER B 295 22.72 -28.91 -9.51
C SER B 295 22.75 -29.91 -8.35
N VAL B 296 23.43 -29.49 -7.30
CA VAL B 296 23.60 -30.25 -6.08
C VAL B 296 22.28 -30.42 -5.29
N HIS B 297 21.44 -29.40 -5.30
CA HIS B 297 20.15 -29.45 -4.59
C HIS B 297 19.07 -30.23 -5.35
N HIS B 298 19.08 -30.12 -6.67
CA HIS B 298 18.09 -30.83 -7.50
C HIS B 298 18.60 -32.18 -8.03
N ARG B 299 19.80 -32.57 -7.62
CA ARG B 299 20.39 -33.86 -8.00
C ARG B 299 20.51 -34.04 -9.52
N ASN B 300 21.20 -33.09 -10.15
CA ASN B 300 21.54 -33.11 -11.57
C ASN B 300 23.02 -32.81 -11.74
N ASN B 301 23.57 -33.12 -12.91
CA ASN B 301 25.00 -32.88 -13.15
C ASN B 301 25.21 -31.41 -13.48
N ARG B 302 26.47 -30.98 -13.42
CA ARG B 302 26.82 -29.58 -13.60
C ARG B 302 26.38 -28.94 -14.93
N GLN B 303 26.21 -29.74 -15.99
CA GLN B 303 25.78 -29.17 -17.28
C GLN B 303 24.27 -29.00 -17.46
N THR B 304 23.49 -30.04 -17.14
CA THR B 304 22.04 -30.00 -17.35
C THR B 304 21.41 -28.71 -16.81
N MET B 305 21.77 -28.38 -15.58
CA MET B 305 21.25 -27.23 -14.87
C MET B 305 21.44 -25.98 -15.71
N GLU B 306 22.67 -25.80 -16.20
CA GLU B 306 23.01 -24.67 -17.07
C GLU B 306 22.05 -24.52 -18.25
N ASP B 307 21.72 -25.63 -18.91
CA ASP B 307 20.78 -25.59 -20.01
C ASP B 307 19.40 -25.17 -19.51
N LEU B 308 19.01 -25.69 -18.34
CA LEU B 308 17.71 -25.42 -17.73
C LEU B 308 17.50 -23.96 -17.32
N ILE B 309 18.47 -23.39 -16.63
CA ILE B 309 18.45 -21.99 -16.21
C ILE B 309 18.46 -21.08 -17.44
N SER B 310 19.17 -21.52 -18.48
CA SER B 310 19.33 -20.71 -19.69
C SER B 310 18.03 -20.46 -20.44
N LEU B 311 17.00 -21.23 -20.10
CA LEU B 311 15.71 -21.06 -20.75
C LEU B 311 14.97 -19.87 -20.16
N TRP B 312 15.37 -19.47 -18.96
CA TRP B 312 14.75 -18.35 -18.25
C TRP B 312 13.24 -18.36 -18.30
N GLN B 313 12.63 -19.30 -17.60
CA GLN B 313 11.18 -19.45 -17.66
C GLN B 313 10.46 -18.51 -16.70
N TYR B 314 11.21 -17.82 -15.84
CA TYR B 314 10.63 -17.04 -14.75
C TYR B 314 9.60 -17.89 -13.98
N ASP B 315 9.89 -19.18 -13.88
CA ASP B 315 9.23 -20.06 -12.92
C ASP B 315 10.03 -20.05 -11.63
N HIS B 316 9.82 -21.05 -10.76
CA HIS B 316 10.52 -21.09 -9.48
C HIS B 316 12.02 -21.34 -9.64
N LEU B 317 12.40 -21.95 -10.75
CA LEU B 317 13.81 -22.15 -11.04
C LEU B 317 14.52 -20.82 -11.27
N THR B 318 13.92 -19.99 -12.12
CA THR B 318 14.44 -18.67 -12.40
C THR B 318 14.55 -17.83 -11.14
N ALA B 319 13.51 -17.89 -10.33
CA ALA B 319 13.49 -17.16 -9.08
C ALA B 319 14.62 -17.60 -8.17
N THR B 320 14.99 -18.88 -8.26
CA THR B 320 15.91 -19.45 -7.31
C THR B 320 17.29 -19.01 -7.65
N TYR B 321 17.66 -19.12 -8.93
CA TYR B 321 18.96 -18.64 -9.40
C TYR B 321 19.13 -17.14 -9.12
N LEU B 322 18.11 -16.35 -9.44
CA LEU B 322 18.25 -14.94 -9.26
C LEU B 322 18.43 -14.59 -7.79
N LEU B 323 17.65 -15.22 -6.92
CA LEU B 323 17.71 -14.94 -5.48
C LEU B 323 18.94 -15.54 -4.81
N LEU B 324 19.49 -16.56 -5.43
CA LEU B 324 20.72 -17.13 -4.96
C LEU B 324 21.86 -16.17 -5.31
N LEU B 325 21.88 -15.68 -6.56
CA LEU B 325 22.79 -14.63 -6.97
C LEU B 325 22.70 -13.46 -5.99
N ALA B 326 21.48 -12.95 -5.80
CA ALA B 326 21.26 -11.91 -4.80
C ALA B 326 21.77 -12.33 -3.42
N LYS B 327 21.58 -13.61 -3.07
CA LYS B 327 22.12 -14.11 -1.83
C LYS B 327 23.65 -14.13 -1.87
N LYS B 328 24.20 -14.39 -3.04
CA LYS B 328 25.64 -14.35 -3.23
C LYS B 328 26.15 -12.90 -3.18
N ALA B 329 25.49 -11.99 -3.88
CA ALA B 329 25.88 -10.58 -3.85
C ALA B 329 25.84 -9.95 -2.46
N ARG B 330 25.22 -10.62 -1.49
CA ARG B 330 25.16 -10.10 -0.11
C ARG B 330 26.22 -10.73 0.79
N GLY B 331 26.96 -11.70 0.26
CA GLY B 331 28.00 -12.37 1.02
C GLY B 331 27.48 -13.42 1.97
N LYS B 332 26.24 -13.85 1.76
CA LYS B 332 25.67 -14.97 2.49
C LYS B 332 26.09 -16.25 1.77
N PRO B 333 26.12 -17.37 2.48
CA PRO B 333 26.37 -18.68 1.87
C PRO B 333 25.56 -18.93 0.61
N VAL B 334 26.20 -19.47 -0.42
CA VAL B 334 25.45 -19.83 -1.61
C VAL B 334 24.78 -21.17 -1.38
N ARG B 335 23.94 -21.24 -0.33
CA ARG B 335 23.22 -22.46 0.07
C ARG B 335 21.72 -22.31 -0.03
N LEU B 336 21.02 -23.44 -0.15
CA LEU B 336 19.57 -23.42 -0.05
C LEU B 336 19.16 -24.14 1.24
N ARG B 337 17.87 -24.09 1.55
CA ARG B 337 17.36 -24.66 2.81
C ARG B 337 17.13 -26.18 2.78
N LEU B 338 17.65 -26.85 3.82
CA LEU B 338 17.42 -28.26 4.25
C LEU B 338 18.74 -28.91 4.71
C4 7MY C . -4.46 1.83 6.16
C5 7MY C . -5.07 2.68 6.94
C6 7MY C . -4.81 2.83 8.36
N1 7MY C . -3.84 2.03 8.89
N3 7MY C . -3.46 0.98 6.73
CAQ 7MY C . 2.98 -1.50 6.81
CAM 7MY C . 3.62 -0.31 7.57
CAN 7MY C . 4.65 -1.02 8.42
CAR 7MY C . 4.20 -2.48 8.49
NBG 7MY C . 3.02 -2.60 7.72
CAS 7MY C . 1.89 -2.67 8.64
CAX 7MY C . 0.51 -2.29 8.01
CAL 7MY C . -0.22 -1.27 8.57
CAG 7MY C . -0.02 -2.96 6.92
CAE 7MY C . -1.26 -2.59 6.39
CAI 7MY C . -1.97 -1.53 6.96
CAZ 7MY C . -1.47 -0.88 8.07
NAV 7MY C . -2.16 0.23 8.73
C2 7MY C . -3.15 1.08 8.10
CBI 7MY C . -6.14 3.54 6.22
CAA 7MY C . -6.05 5.08 6.23
CAB 7MY C . -7.57 3.37 6.72
CAW 7MY C . -5.94 2.92 4.84
OAC 7MY C . -6.66 3.29 3.72
NBH 7MY C . -4.96 1.95 4.85
CBF 7MY C . -4.57 1.21 3.71
CAP 7MY C . -3.14 1.18 3.77
CAO 7MY C . -2.70 -0.25 3.42
CBC 7MY C . -4.00 -0.95 3.87
CBB 7MY C . -5.01 -0.11 4.00
CAJ 7MY C . -6.34 -0.60 4.42
CAF 7MY C . -6.55 -1.95 4.67
CAH 7MY C . -5.46 -2.86 4.51
CAY 7MY C . -4.21 -2.37 4.12
OAD 7MY C . -3.15 -3.26 3.98
C4 7MY D . 6.56 -1.99 -4.19
C5 7MY D . 7.42 -2.76 -4.81
C6 7MY D . 8.77 -3.03 -4.32
N1 7MY D . 9.15 -2.42 -3.17
N3 7MY D . 7.00 -1.37 -3.00
CAQ 7MY D . 8.60 0.88 4.89
CAM 7MY D . 7.48 1.77 5.46
CAN 7MY D . 6.23 1.12 4.88
CAR 7MY D . 6.75 0.37 3.65
NBG 7MY D . 8.13 0.66 3.56
CAS 7MY D . 8.29 1.86 2.79
CAX 7MY D . 7.86 1.57 1.32
CAL 7MY D . 8.42 0.51 0.65
CAG 7MY D . 6.95 2.39 0.67
CAE 7MY D . 6.59 2.11 -0.66
CAI 7MY D . 7.15 1.02 -1.33
CAZ 7MY D . 8.06 0.22 -0.67
NAV 7MY D . 8.71 -0.93 -1.27
C2 7MY D . 8.27 -1.57 -2.48
CBI 7MY D . 6.86 -3.40 -6.09
CAA 7MY D . 6.81 -4.97 -6.15
CAB 7MY D . 7.48 -3.19 -7.46
CAW 7MY D . 5.49 -2.75 -6.03
OAC 7MY D . 4.53 -2.95 -6.98
NBH 7MY D . 5.35 -1.96 -4.90
CBF 7MY D . 4.18 -1.22 -4.59
CAP 7MY D . 4.05 -1.30 -3.18
CAO 7MY D . 3.84 0.13 -2.63
CBC 7MY D . 4.42 0.91 -3.83
CBB 7MY D . 4.58 0.12 -4.88
CAJ 7MY D . 5.12 0.68 -6.14
CAF 7MY D . 5.44 2.03 -6.21
CAH 7MY D . 5.25 2.87 -5.08
CAY 7MY D . 4.74 2.34 -3.90
OAD 7MY D . 4.57 3.19 -2.79
#